data_6AW5
#
_entry.id   6AW5
#
_cell.length_a   95.186
_cell.length_b   95.186
_cell.length_c   75.172
_cell.angle_alpha   90.000
_cell.angle_beta   90.000
_cell.angle_gamma   120.000
#
_symmetry.space_group_name_H-M   'P 62'
#
loop_
_entity.id
_entity.type
_entity.pdbx_description
1 polymer 'Catechol O-methyltransferase'
2 non-polymer 'SODIUM ION'
3 non-polymer 'CHLORIDE ION'
4 non-polymer GLYCEROL
5 water water
#
_entity_poly.entity_id   1
_entity_poly.type   'polypeptide(L)'
_entity_poly.pdbx_seq_one_letter_code
;MGDTKEQRILRYVQQHAKPGDPQSVLEAIDTYCTQKEWAMNVGDAKGQIMDEVIQEHNPSLVLELGAYCGYSAVRMARLL
SPGARLLTMEKNPDYAAITQQMLNFAGLQDKVTILIGASQDLIPQLKKYDVDTLDMVFLDHWKDRYLPDTILLEECGLLR
KGTVLLADNVIVPGTPDFLAYVRGSSSFECTHYSSYLEYMKVVDGLEKAVYKGPSSPKQPLEHHHHHH
;
_entity_poly.pdbx_strand_id   A
#
loop_
_chem_comp.id
_chem_comp.type
_chem_comp.name
_chem_comp.formula
CL non-polymer 'CHLORIDE ION' 'Cl -1'
GOL non-polymer GLYCEROL 'C3 H8 O3'
NA non-polymer 'SODIUM ION' 'Na 1'
#
# COMPACT_ATOMS: atom_id res chain seq x y z
N ASP A 3 22.88 11.53 2.18
CA ASP A 3 21.56 11.19 2.69
C ASP A 3 20.68 10.50 1.66
N THR A 4 19.93 9.51 2.14
CA THR A 4 19.10 8.69 1.29
C THR A 4 17.94 9.50 0.74
N LYS A 5 17.41 9.05 -0.40
CA LYS A 5 16.22 9.68 -0.94
C LYS A 5 15.12 9.75 0.12
N GLU A 6 14.91 8.65 0.87
CA GLU A 6 13.77 8.64 1.79
C GLU A 6 13.98 9.65 2.91
N GLN A 7 15.21 9.77 3.43
CA GLN A 7 15.54 10.81 4.40
C GLN A 7 15.27 12.21 3.85
N ARG A 8 15.63 12.45 2.59
CA ARG A 8 15.41 13.77 2.01
C ARG A 8 13.91 14.04 1.84
N ILE A 9 13.13 13.02 1.49
CA ILE A 9 11.69 13.23 1.40
C ILE A 9 11.16 13.66 2.77
N LEU A 10 11.60 12.98 3.84
CA LEU A 10 11.12 13.35 5.17
C LEU A 10 11.51 14.79 5.51
N ARG A 11 12.78 15.14 5.31
CA ARG A 11 13.26 16.50 5.59
C ARG A 11 12.40 17.55 4.87
N TYR A 12 12.13 17.32 3.58
CA TYR A 12 11.28 18.25 2.85
C TYR A 12 9.89 18.37 3.46
N VAL A 13 9.27 17.25 3.84
CA VAL A 13 7.98 17.34 4.52
C VAL A 13 8.12 18.16 5.79
N GLN A 14 9.14 17.86 6.58
CA GLN A 14 9.33 18.55 7.86
C GLN A 14 9.45 20.06 7.64
N GLN A 15 10.14 20.46 6.57
CA GLN A 15 10.38 21.88 6.27
C GLN A 15 9.18 22.59 5.65
N HIS A 16 8.27 21.88 4.97
CA HIS A 16 7.25 22.56 4.19
C HIS A 16 5.83 22.18 4.50
N ALA A 17 5.58 21.00 5.08
CA ALA A 17 4.21 20.59 5.27
C ALA A 17 3.73 21.07 6.62
N LYS A 18 2.42 21.07 6.78
CA LYS A 18 1.78 21.51 7.99
C LYS A 18 1.65 20.31 8.93
N PRO A 19 2.15 20.39 10.17
CA PRO A 19 2.00 19.25 11.10
C PRO A 19 0.55 18.91 11.34
N GLY A 20 0.27 17.60 11.37
CA GLY A 20 -1.06 17.12 11.68
C GLY A 20 -2.04 17.24 10.55
N ASP A 21 -1.56 17.55 9.34
CA ASP A 21 -2.41 17.78 8.17
C ASP A 21 -2.02 16.75 7.11
N PRO A 22 -2.73 15.62 7.00
CA PRO A 22 -2.29 14.59 6.03
C PRO A 22 -2.26 15.09 4.59
N GLN A 23 -3.25 15.88 4.20
CA GLN A 23 -3.28 16.39 2.82
C GLN A 23 -2.02 17.19 2.52
N SER A 24 -1.61 18.04 3.45
CA SER A 24 -0.39 18.81 3.25
C SER A 24 0.84 17.92 3.13
N VAL A 25 0.87 16.83 3.92
CA VAL A 25 1.99 15.90 3.83
C VAL A 25 2.02 15.23 2.46
N LEU A 26 0.88 14.73 2.01
CA LEU A 26 0.82 14.07 0.71
C LEU A 26 1.27 15.02 -0.39
N GLU A 27 0.74 16.26 -0.38
CA GLU A 27 1.12 17.24 -1.40
C GLU A 27 2.60 17.51 -1.38
N ALA A 28 3.17 17.69 -0.19
CA ALA A 28 4.60 17.97 -0.10
C ALA A 28 5.43 16.83 -0.67
N ILE A 29 5.08 15.58 -0.33
CA ILE A 29 5.80 14.44 -0.89
C ILE A 29 5.65 14.43 -2.41
N ASP A 30 4.42 14.60 -2.88
CA ASP A 30 4.14 14.52 -4.31
C ASP A 30 4.91 15.60 -5.05
N THR A 31 4.87 16.83 -4.54
CA THR A 31 5.59 17.95 -5.16
C THR A 31 7.08 17.66 -5.29
N TYR A 32 7.72 17.29 -4.18
CA TYR A 32 9.17 17.08 -4.20
C TYR A 32 9.55 15.92 -5.13
N CYS A 33 8.77 14.84 -5.12
CA CYS A 33 9.13 13.70 -5.95
C CYS A 33 8.94 14.03 -7.44
N THR A 34 7.82 14.67 -7.78
CA THR A 34 7.62 15.10 -9.16
C THR A 34 8.74 16.04 -9.58
N GLN A 35 9.06 17.03 -8.74
CA GLN A 35 10.17 17.96 -9.00
C GLN A 35 11.46 17.21 -9.32
N LYS A 36 11.89 16.32 -8.42
CA LYS A 36 13.13 15.57 -8.60
C LYS A 36 13.00 14.49 -9.67
N GLU A 37 11.84 14.36 -10.32
CA GLU A 37 11.59 13.32 -11.30
C GLU A 37 11.83 11.92 -10.72
N TRP A 38 11.44 11.73 -9.46
CA TRP A 38 11.48 10.42 -8.84
C TRP A 38 10.15 9.67 -8.99
N ALA A 39 9.03 10.38 -8.97
CA ALA A 39 7.72 9.79 -9.21
C ALA A 39 6.77 10.89 -9.65
N MET A 40 6.04 10.66 -10.75
CA MET A 40 5.27 11.72 -11.38
C MET A 40 3.84 11.71 -10.84
N ASN A 41 3.49 12.78 -10.14
CA ASN A 41 2.12 13.01 -9.67
C ASN A 41 1.50 11.72 -9.14
N VAL A 42 2.14 11.16 -8.08
CA VAL A 42 1.64 9.93 -7.48
C VAL A 42 0.21 10.11 -7.02
N GLY A 43 -0.16 11.32 -6.64
CA GLY A 43 -1.51 11.56 -6.13
C GLY A 43 -2.57 11.28 -7.18
N ASP A 44 -2.31 11.69 -8.42
CA ASP A 44 -3.25 11.39 -9.51
C ASP A 44 -3.05 9.98 -10.06
N ALA A 45 -1.82 9.49 -10.12
CA ALA A 45 -1.59 8.24 -10.85
C ALA A 45 -2.01 7.05 -10.01
N LYS A 46 -1.75 7.06 -8.72
CA LYS A 46 -2.05 5.90 -7.88
C LYS A 46 -2.91 6.26 -6.69
N GLY A 47 -2.76 7.49 -6.17
CA GLY A 47 -3.49 7.89 -4.98
C GLY A 47 -4.99 7.91 -5.15
N GLN A 48 -5.47 8.37 -6.30
CA GLN A 48 -6.91 8.43 -6.49
C GLN A 48 -7.52 7.04 -6.58
N ILE A 49 -6.81 6.11 -7.22
CA ILE A 49 -7.32 4.74 -7.28
C ILE A 49 -7.33 4.12 -5.89
N MET A 50 -6.25 4.31 -5.14
CA MET A 50 -6.22 3.86 -3.74
C MET A 50 -7.41 4.40 -2.96
N ASP A 51 -7.68 5.71 -3.07
CA ASP A 51 -8.81 6.31 -2.37
C ASP A 51 -10.13 5.66 -2.78
N GLU A 52 -10.37 5.50 -4.08
CA GLU A 52 -11.67 5.01 -4.52
C GLU A 52 -11.88 3.55 -4.12
N VAL A 53 -10.82 2.72 -4.17
CA VAL A 53 -10.95 1.34 -3.68
C VAL A 53 -11.27 1.31 -2.19
N ILE A 54 -10.59 2.14 -1.39
CA ILE A 54 -10.88 2.15 0.04
C ILE A 54 -12.29 2.65 0.31
N GLN A 55 -12.71 3.70 -0.39
CA GLN A 55 -14.07 4.20 -0.21
C GLN A 55 -15.09 3.15 -0.66
N GLU A 56 -14.80 2.48 -1.78
CA GLU A 56 -15.71 1.48 -2.33
C GLU A 56 -15.92 0.32 -1.37
N HIS A 57 -14.86 -0.12 -0.67
CA HIS A 57 -14.96 -1.33 0.14
C HIS A 57 -14.97 -1.06 1.64
N ASN A 58 -14.74 0.17 2.07
CA ASN A 58 -14.71 0.58 3.47
C ASN A 58 -14.10 -0.46 4.42
N PRO A 59 -12.82 -0.78 4.26
CA PRO A 59 -12.20 -1.81 5.11
C PRO A 59 -12.05 -1.38 6.56
N SER A 60 -12.23 -2.32 7.49
CA SER A 60 -11.86 -2.09 8.88
C SER A 60 -10.42 -2.45 9.18
N LEU A 61 -9.86 -3.41 8.46
CA LEU A 61 -8.49 -3.85 8.71
C LEU A 61 -7.77 -3.95 7.37
N VAL A 62 -6.75 -3.12 7.18
CA VAL A 62 -5.93 -3.09 5.98
C VAL A 62 -4.50 -3.53 6.29
N LEU A 63 -3.96 -4.39 5.43
CA LEU A 63 -2.54 -4.76 5.46
C LEU A 63 -1.82 -4.10 4.29
N GLU A 64 -0.76 -3.35 4.57
CA GLU A 64 0.14 -2.80 3.56
C GLU A 64 1.41 -3.63 3.53
N LEU A 65 1.72 -4.26 2.38
CA LEU A 65 2.94 -5.03 2.21
C LEU A 65 3.93 -4.17 1.44
N GLY A 66 4.91 -3.63 2.17
CA GLY A 66 5.93 -2.79 1.57
C GLY A 66 5.70 -1.33 1.86
N ALA A 67 6.75 -0.64 2.28
CA ALA A 67 6.72 0.79 2.52
C ALA A 67 8.08 1.37 2.17
N TYR A 68 8.10 2.61 1.74
CA TYR A 68 9.34 3.30 1.40
C TYR A 68 9.48 4.57 2.22
N CYS A 69 8.66 5.58 1.97
CA CYS A 69 8.75 6.85 2.69
C CYS A 69 7.48 7.16 3.44
N GLY A 70 6.49 6.27 3.43
CA GLY A 70 5.25 6.48 4.14
C GLY A 70 4.14 7.15 3.34
N TYR A 71 4.38 7.48 2.07
CA TYR A 71 3.33 8.09 1.26
C TYR A 71 2.07 7.25 1.29
N SER A 72 2.20 5.96 0.99
CA SER A 72 1.00 5.12 0.85
C SER A 72 0.31 4.92 2.20
N ALA A 73 1.10 4.84 3.27
CA ALA A 73 0.52 4.66 4.60
C ALA A 73 -0.29 5.87 5.00
N VAL A 74 0.24 7.07 4.76
CA VAL A 74 -0.54 8.30 5.02
C VAL A 74 -1.77 8.35 4.14
N ARG A 75 -1.60 8.03 2.86
CA ARG A 75 -2.72 8.06 1.93
C ARG A 75 -3.87 7.22 2.43
N MET A 76 -3.58 6.01 2.92
CA MET A 76 -4.63 5.12 3.35
C MET A 76 -5.13 5.44 4.75
N ALA A 77 -4.21 5.68 5.69
CA ALA A 77 -4.64 5.86 7.07
C ALA A 77 -5.56 7.07 7.21
N ARG A 78 -5.35 8.09 6.38
CA ARG A 78 -6.13 9.30 6.48
C ARG A 78 -7.58 9.08 6.13
N LEU A 79 -7.90 7.97 5.48
CA LEU A 79 -9.27 7.66 5.10
C LEU A 79 -9.97 6.70 6.03
N LEU A 80 -9.27 6.10 6.99
CA LEU A 80 -9.88 5.05 7.78
C LEU A 80 -10.79 5.64 8.84
N SER A 81 -11.92 5.01 9.06
CA SER A 81 -12.85 5.48 10.07
C SER A 81 -12.34 5.14 11.47
N PRO A 82 -12.93 5.76 12.50
CA PRO A 82 -12.58 5.38 13.87
C PRO A 82 -12.74 3.88 14.08
N GLY A 83 -11.77 3.29 14.74
CA GLY A 83 -11.77 1.85 14.93
C GLY A 83 -11.16 1.06 13.79
N ALA A 84 -11.05 1.62 12.58
CA ALA A 84 -10.39 0.94 11.47
C ALA A 84 -8.89 1.15 11.58
N ARG A 85 -8.09 0.17 11.11
CA ARG A 85 -6.66 0.21 11.34
C ARG A 85 -5.87 -0.28 10.14
N LEU A 86 -4.64 0.22 10.03
CA LEU A 86 -3.69 -0.18 8.99
C LEU A 86 -2.52 -0.89 9.66
N LEU A 87 -2.17 -2.07 9.12
CA LEU A 87 -0.93 -2.74 9.45
C LEU A 87 0.05 -2.59 8.31
N THR A 88 1.24 -2.08 8.58
CA THR A 88 2.23 -1.82 7.54
C THR A 88 3.45 -2.70 7.79
N MET A 89 3.73 -3.62 6.86
CA MET A 89 4.80 -4.58 7.02
C MET A 89 5.93 -4.25 6.04
N GLU A 90 7.14 -4.06 6.56
CA GLU A 90 8.27 -3.66 5.74
C GLU A 90 9.55 -4.23 6.32
N LYS A 91 10.35 -4.86 5.46
CA LYS A 91 11.56 -5.54 5.90
C LYS A 91 12.70 -4.58 6.22
N ASN A 92 12.75 -3.44 5.52
CA ASN A 92 13.88 -2.54 5.64
C ASN A 92 13.65 -1.58 6.81
N PRO A 93 14.45 -1.64 7.89
CA PRO A 93 14.14 -0.82 9.07
C PRO A 93 14.30 0.67 8.85
N ASP A 94 15.15 1.08 7.90
CA ASP A 94 15.28 2.49 7.53
C ASP A 94 14.00 3.02 6.89
N TYR A 95 13.42 2.24 5.98
CA TYR A 95 12.16 2.65 5.38
C TYR A 95 11.04 2.64 6.41
N ALA A 96 11.03 1.64 7.29
CA ALA A 96 10.01 1.58 8.33
C ALA A 96 10.11 2.79 9.25
N ALA A 97 11.34 3.21 9.54
CA ALA A 97 11.56 4.36 10.41
C ALA A 97 11.09 5.66 9.77
N ILE A 98 11.36 5.84 8.46
CA ILE A 98 10.86 7.02 7.78
C ILE A 98 9.35 7.00 7.76
N THR A 99 8.78 5.82 7.47
CA THR A 99 7.33 5.70 7.44
C THR A 99 6.71 6.08 8.78
N GLN A 100 7.34 5.63 9.88
CA GLN A 100 6.85 5.98 11.22
C GLN A 100 6.85 7.49 11.43
N GLN A 101 7.96 8.14 11.09
CA GLN A 101 8.08 9.59 11.29
C GLN A 101 7.14 10.36 10.39
N MET A 102 6.88 9.85 9.19
CA MET A 102 5.93 10.51 8.30
C MET A 102 4.53 10.46 8.88
N LEU A 103 4.13 9.29 9.41
CA LEU A 103 2.84 9.18 10.07
C LEU A 103 2.76 10.03 11.32
N ASN A 104 3.82 10.05 12.14
CA ASN A 104 3.83 10.93 13.30
C ASN A 104 3.61 12.37 12.88
N PHE A 105 4.35 12.83 11.86
CA PHE A 105 4.20 14.21 11.40
C PHE A 105 2.78 14.48 10.95
N ALA A 106 2.17 13.51 10.25
CA ALA A 106 0.82 13.69 9.76
C ALA A 106 -0.23 13.57 10.85
N GLY A 107 0.15 13.11 12.03
CA GLY A 107 -0.82 12.92 13.10
C GLY A 107 -1.64 11.65 13.00
N LEU A 108 -1.15 10.66 12.25
CA LEU A 108 -1.89 9.44 11.94
C LEU A 108 -1.30 8.21 12.63
N GLN A 109 -0.34 8.40 13.53
CA GLN A 109 0.33 7.26 14.16
C GLN A 109 -0.64 6.35 14.91
N ASP A 110 -1.76 6.88 15.41
CA ASP A 110 -2.66 6.04 16.20
C ASP A 110 -3.57 5.19 15.32
N LYS A 111 -3.42 5.27 14.00
CA LYS A 111 -4.19 4.44 13.08
C LYS A 111 -3.39 3.24 12.55
N VAL A 112 -2.11 3.16 12.84
CA VAL A 112 -1.19 2.27 12.13
C VAL A 112 -0.33 1.48 13.11
N THR A 113 -0.15 0.19 12.82
CA THR A 113 0.88 -0.64 13.45
C THR A 113 1.93 -0.96 12.40
N ILE A 114 3.16 -0.56 12.62
CA ILE A 114 4.27 -0.91 11.73
C ILE A 114 4.95 -2.19 12.21
N LEU A 115 5.05 -3.17 11.32
CA LEU A 115 5.72 -4.44 11.58
C LEU A 115 7.00 -4.50 10.77
N ILE A 116 8.12 -4.68 11.44
CA ILE A 116 9.43 -4.66 10.78
C ILE A 116 9.94 -6.09 10.67
N GLY A 117 10.07 -6.59 9.45
CA GLY A 117 10.53 -7.94 9.23
C GLY A 117 10.13 -8.43 7.86
N ALA A 118 10.56 -9.66 7.57
CA ALA A 118 10.26 -10.33 6.32
C ALA A 118 8.85 -10.90 6.34
N SER A 119 8.11 -10.67 5.27
CA SER A 119 6.75 -11.19 5.18
C SER A 119 6.68 -12.70 5.33
N GLN A 120 7.73 -13.43 4.90
CA GLN A 120 7.70 -14.88 5.11
C GLN A 120 7.67 -15.24 6.58
N ASP A 121 8.29 -14.41 7.43
CA ASP A 121 8.27 -14.64 8.86
C ASP A 121 7.03 -14.05 9.51
N LEU A 122 6.60 -12.88 9.05
CA LEU A 122 5.55 -12.17 9.78
C LEU A 122 4.13 -12.49 9.33
N ILE A 123 3.86 -12.80 8.06
CA ILE A 123 2.48 -13.11 7.67
C ILE A 123 1.95 -14.27 8.50
N PRO A 124 2.70 -15.35 8.72
CA PRO A 124 2.19 -16.45 9.54
C PRO A 124 2.02 -16.09 11.00
N GLN A 125 2.49 -14.92 11.44
CA GLN A 125 2.31 -14.44 12.81
C GLN A 125 1.24 -13.36 12.93
N LEU A 126 0.56 -12.98 11.85
CA LEU A 126 -0.46 -11.95 11.94
C LEU A 126 -1.58 -12.34 12.89
N LYS A 127 -1.87 -13.63 13.05
CA LYS A 127 -2.83 -14.04 14.06
C LYS A 127 -2.46 -13.51 15.45
N LYS A 128 -1.17 -13.28 15.72
CA LYS A 128 -0.78 -12.75 17.03
C LYS A 128 -1.08 -11.27 17.19
N TYR A 129 -1.34 -10.56 16.09
CA TYR A 129 -1.79 -9.18 16.14
C TYR A 129 -3.30 -9.07 16.17
N ASP A 130 -4.00 -10.17 16.52
CA ASP A 130 -5.46 -10.19 16.58
C ASP A 130 -6.10 -10.10 15.19
N VAL A 131 -5.39 -10.53 14.16
CA VAL A 131 -5.97 -10.56 12.82
C VAL A 131 -6.60 -11.92 12.61
N ASP A 132 -7.91 -11.92 12.38
CA ASP A 132 -8.63 -13.10 11.91
C ASP A 132 -8.52 -13.18 10.39
N THR A 133 -9.21 -12.28 9.70
CA THR A 133 -9.04 -12.07 8.28
C THR A 133 -8.86 -10.59 8.02
N LEU A 134 -8.26 -10.29 6.88
CA LEU A 134 -8.07 -8.94 6.41
C LEU A 134 -9.22 -8.52 5.51
N ASP A 135 -9.58 -7.25 5.56
CA ASP A 135 -10.54 -6.70 4.62
C ASP A 135 -9.89 -6.21 3.33
N MET A 136 -8.68 -5.71 3.43
CA MET A 136 -7.97 -5.20 2.26
C MET A 136 -6.48 -5.40 2.45
N VAL A 137 -5.79 -5.64 1.34
CA VAL A 137 -4.33 -5.75 1.28
C VAL A 137 -3.84 -4.81 0.17
N PHE A 138 -2.88 -3.96 0.50
CA PHE A 138 -2.24 -3.10 -0.49
C PHE A 138 -0.83 -3.59 -0.69
N LEU A 139 -0.53 -4.01 -1.91
CA LEU A 139 0.78 -4.57 -2.26
C LEU A 139 1.58 -3.51 -2.99
N ASP A 140 2.71 -3.11 -2.41
CA ASP A 140 3.37 -1.88 -2.82
C ASP A 140 4.87 -2.10 -2.95
N HIS A 141 5.46 -1.38 -3.90
CA HIS A 141 6.92 -1.22 -4.04
C HIS A 141 7.69 -2.47 -4.50
N TRP A 142 7.62 -3.61 -3.80
CA TRP A 142 8.52 -4.73 -4.10
C TRP A 142 7.74 -5.78 -4.89
N LYS A 143 7.69 -5.58 -6.20
CA LYS A 143 6.67 -6.32 -6.94
C LYS A 143 7.01 -7.80 -7.06
N ASP A 144 8.25 -8.19 -6.85
CA ASP A 144 8.53 -9.62 -6.89
C ASP A 144 8.01 -10.36 -5.66
N ARG A 145 7.54 -9.65 -4.62
CA ARG A 145 6.90 -10.28 -3.47
C ARG A 145 5.39 -10.46 -3.63
N TYR A 146 4.76 -9.85 -4.62
CA TYR A 146 3.31 -9.82 -4.64
C TYR A 146 2.74 -11.24 -4.66
N LEU A 147 3.23 -12.08 -5.57
CA LEU A 147 2.69 -13.45 -5.68
C LEU A 147 3.00 -14.27 -4.45
N PRO A 148 4.26 -14.43 -4.02
CA PRO A 148 4.50 -15.28 -2.85
C PRO A 148 3.79 -14.77 -1.59
N ASP A 149 3.67 -13.44 -1.44
CA ASP A 149 2.92 -12.92 -0.29
C ASP A 149 1.44 -13.28 -0.39
N THR A 150 0.86 -13.18 -1.59
CA THR A 150 -0.54 -13.57 -1.77
C THR A 150 -0.74 -15.05 -1.40
N ILE A 151 0.18 -15.90 -1.82
CA ILE A 151 0.07 -17.33 -1.47
C ILE A 151 0.14 -17.51 0.05
N LEU A 152 1.09 -16.85 0.70
CA LEU A 152 1.17 -16.96 2.15
C LEU A 152 -0.12 -16.51 2.82
N LEU A 153 -0.69 -15.37 2.37
CA LEU A 153 -1.97 -14.93 2.96
C LEU A 153 -3.06 -15.99 2.82
N GLU A 154 -3.18 -16.59 1.63
CA GLU A 154 -4.16 -17.65 1.41
C GLU A 154 -3.92 -18.82 2.35
N GLU A 155 -2.68 -19.29 2.40
CA GLU A 155 -2.35 -20.47 3.18
C GLU A 155 -2.52 -20.23 4.67
N CYS A 156 -2.35 -19.00 5.14
CA CYS A 156 -2.56 -18.70 6.55
C CYS A 156 -4.00 -18.36 6.86
N GLY A 157 -4.91 -18.46 5.90
CA GLY A 157 -6.31 -18.22 6.16
C GLY A 157 -6.64 -16.79 6.45
N LEU A 158 -5.86 -15.85 5.94
CA LEU A 158 -6.05 -14.45 6.25
C LEU A 158 -6.99 -13.77 5.27
N LEU A 159 -7.42 -14.44 4.21
CA LEU A 159 -8.34 -13.86 3.26
C LEU A 159 -9.71 -14.48 3.46
N ARG A 160 -10.74 -13.66 3.31
CA ARG A 160 -12.12 -14.16 3.29
C ARG A 160 -12.79 -13.74 2.00
N LYS A 161 -13.97 -14.32 1.76
CA LYS A 161 -14.75 -13.90 0.62
C LYS A 161 -15.00 -12.40 0.68
N GLY A 162 -14.59 -11.69 -0.36
CA GLY A 162 -14.71 -10.25 -0.38
C GLY A 162 -13.45 -9.49 -0.02
N THR A 163 -12.40 -10.13 0.50
CA THR A 163 -11.15 -9.41 0.74
C THR A 163 -10.59 -8.86 -0.58
N VAL A 164 -10.22 -7.58 -0.57
CA VAL A 164 -9.68 -6.88 -1.75
C VAL A 164 -8.16 -6.83 -1.67
N LEU A 165 -7.48 -7.35 -2.70
CA LEU A 165 -6.05 -7.10 -2.90
C LEU A 165 -5.92 -6.01 -3.96
N LEU A 166 -5.07 -5.01 -3.70
CA LEU A 166 -4.76 -3.97 -4.67
C LEU A 166 -3.25 -3.87 -4.79
N ALA A 167 -2.73 -4.10 -5.99
CA ALA A 167 -1.30 -4.16 -6.22
C ALA A 167 -0.86 -3.01 -7.12
N ASP A 168 0.19 -2.28 -6.71
CA ASP A 168 0.69 -1.12 -7.44
C ASP A 168 1.80 -1.50 -8.41
N ASN A 169 1.97 -0.69 -9.44
CA ASN A 169 3.10 -0.79 -10.37
C ASN A 169 3.13 -2.15 -11.09
N VAL A 170 1.96 -2.57 -11.57
CA VAL A 170 1.88 -3.78 -12.38
C VAL A 170 1.54 -3.33 -13.79
N ILE A 171 2.51 -2.71 -14.46
CA ILE A 171 2.35 -2.27 -15.84
C ILE A 171 2.81 -3.33 -16.81
N VAL A 172 3.93 -3.97 -16.51
CA VAL A 172 4.51 -4.99 -17.37
C VAL A 172 4.49 -6.31 -16.62
N PRO A 173 4.46 -7.44 -17.30
CA PRO A 173 4.58 -8.72 -16.60
C PRO A 173 5.99 -8.84 -16.05
N GLY A 174 6.06 -9.36 -14.82
CA GLY A 174 7.31 -9.69 -14.18
C GLY A 174 7.30 -11.15 -13.76
N THR A 175 8.39 -11.54 -13.10
CA THR A 175 8.47 -12.88 -12.52
C THR A 175 8.89 -12.72 -11.05
N PRO A 176 8.14 -13.31 -10.08
CA PRO A 176 6.86 -14.05 -10.17
C PRO A 176 5.70 -13.21 -10.74
N ASP A 177 4.86 -13.83 -11.57
CA ASP A 177 3.81 -13.12 -12.29
C ASP A 177 2.53 -13.13 -11.46
N PHE A 178 2.38 -12.07 -10.66
CA PHE A 178 1.18 -11.92 -9.85
C PHE A 178 -0.08 -11.87 -10.71
N LEU A 179 -0.07 -11.08 -11.80
CA LEU A 179 -1.27 -10.90 -12.61
C LEU A 179 -1.76 -12.23 -13.16
N ALA A 180 -0.85 -13.06 -13.68
CA ALA A 180 -1.27 -14.33 -14.26
C ALA A 180 -1.89 -15.23 -13.22
N TYR A 181 -1.39 -15.16 -12.00
CA TYR A 181 -1.91 -15.99 -10.92
C TYR A 181 -3.34 -15.58 -10.56
N VAL A 182 -3.58 -14.30 -10.25
CA VAL A 182 -4.90 -13.90 -9.77
C VAL A 182 -5.92 -13.95 -10.90
N ARG A 183 -5.52 -13.61 -12.11
CA ARG A 183 -6.46 -13.71 -13.22
C ARG A 183 -6.78 -15.17 -13.56
N GLY A 184 -5.74 -16.01 -13.67
CA GLY A 184 -5.97 -17.42 -13.97
C GLY A 184 -6.84 -18.12 -12.95
N SER A 185 -6.61 -17.86 -11.67
CA SER A 185 -7.33 -18.56 -10.62
C SER A 185 -8.80 -18.14 -10.58
N SER A 186 -9.69 -19.12 -10.50
CA SER A 186 -11.11 -18.78 -10.34
C SER A 186 -11.40 -18.29 -8.92
N SER A 187 -10.41 -18.26 -8.02
CA SER A 187 -10.62 -17.73 -6.68
C SER A 187 -10.56 -16.22 -6.59
N PHE A 188 -10.18 -15.53 -7.66
CA PHE A 188 -10.02 -14.07 -7.62
C PHE A 188 -10.79 -13.45 -8.78
N GLU A 189 -11.52 -12.39 -8.49
CA GLU A 189 -12.16 -11.56 -9.48
C GLU A 189 -11.34 -10.29 -9.67
N CYS A 190 -10.91 -10.03 -10.90
CA CYS A 190 -9.84 -9.07 -11.15
C CYS A 190 -10.28 -7.88 -11.99
N THR A 191 -9.73 -6.72 -11.65
CA THR A 191 -9.87 -5.48 -12.39
C THR A 191 -8.51 -4.82 -12.54
N HIS A 192 -8.17 -4.44 -13.76
CA HIS A 192 -6.92 -3.72 -14.00
C HIS A 192 -7.22 -2.24 -14.20
N TYR A 193 -6.39 -1.40 -13.58
CA TYR A 193 -6.45 0.07 -13.72
C TYR A 193 -5.17 0.56 -14.39
N SER A 194 -5.33 1.35 -15.44
CA SER A 194 -4.20 2.02 -16.10
C SER A 194 -4.38 3.52 -16.00
N SER A 195 -3.45 4.20 -15.31
CA SER A 195 -3.48 5.65 -15.16
C SER A 195 -2.55 6.27 -16.20
N TYR A 196 -3.11 7.12 -17.06
CA TYR A 196 -2.37 7.80 -18.12
C TYR A 196 -2.03 9.24 -17.78
N LEU A 197 -2.60 9.77 -16.69
CA LEU A 197 -2.63 11.21 -16.47
C LEU A 197 -3.09 11.87 -17.75
N GLU A 198 -2.48 12.97 -18.17
CA GLU A 198 -2.93 13.70 -19.36
C GLU A 198 -2.35 13.16 -20.65
N TYR A 199 -1.55 12.09 -20.59
CA TYR A 199 -0.69 11.61 -21.65
C TYR A 199 -1.26 10.38 -22.35
N MET A 200 -0.47 9.86 -23.30
CA MET A 200 -0.80 8.68 -24.10
C MET A 200 -0.12 7.41 -23.62
N LYS A 201 0.79 7.48 -22.65
CA LYS A 201 1.52 6.32 -22.15
C LYS A 201 1.16 6.06 -20.70
N VAL A 202 1.08 4.79 -20.31
CA VAL A 202 0.69 4.46 -18.94
C VAL A 202 1.71 4.99 -17.96
N VAL A 203 1.23 5.70 -16.95
CA VAL A 203 2.09 6.21 -15.87
C VAL A 203 2.14 5.23 -14.71
N ASP A 204 1.00 4.69 -14.27
CA ASP A 204 1.01 3.63 -13.27
C ASP A 204 -0.10 2.65 -13.63
N GLY A 205 0.10 1.39 -13.26
CA GLY A 205 -0.90 0.36 -13.49
C GLY A 205 -1.10 -0.37 -12.17
N LEU A 206 -2.38 -0.66 -11.85
CA LEU A 206 -2.74 -1.36 -10.61
C LEU A 206 -3.71 -2.49 -10.93
N GLU A 207 -3.65 -3.54 -10.10
CA GLU A 207 -4.55 -4.68 -10.22
C GLU A 207 -5.32 -4.81 -8.94
N LYS A 208 -6.65 -4.84 -9.06
CA LYS A 208 -7.53 -5.21 -7.96
C LYS A 208 -7.96 -6.65 -8.11
N ALA A 209 -7.76 -7.47 -7.09
CA ALA A 209 -8.11 -8.88 -7.10
C ALA A 209 -8.93 -9.15 -5.84
N VAL A 210 -10.20 -9.50 -6.00
CA VAL A 210 -11.12 -9.73 -4.90
C VAL A 210 -11.24 -11.23 -4.68
N TYR A 211 -10.97 -11.68 -3.47
CA TYR A 211 -10.95 -13.10 -3.15
C TYR A 211 -12.39 -13.63 -3.05
N LYS A 212 -12.64 -14.79 -3.66
CA LYS A 212 -13.98 -15.37 -3.68
C LYS A 212 -14.16 -16.43 -2.60
N GLY A 213 -13.20 -16.59 -1.72
CA GLY A 213 -13.32 -17.54 -0.64
C GLY A 213 -12.58 -18.84 -0.89
N PRO A 214 -12.30 -19.57 0.20
CA PRO A 214 -11.41 -20.74 0.11
C PRO A 214 -12.08 -21.92 -0.57
N SER A 215 -11.34 -22.57 -1.46
CA SER A 215 -11.88 -23.71 -2.18
C SER A 215 -11.21 -25.02 -1.74
NA NA B . -9.24 -14.92 -11.67
CL CL C . 5.50 4.54 0.57
CL CL D . -15.26 4.89 -4.86
C1 GOL E . 8.18 1.49 13.96
O1 GOL E . 7.40 1.72 15.11
C2 GOL E . 9.54 2.15 14.01
O2 GOL E . 10.08 2.12 12.67
C3 GOL E . 10.44 1.41 15.01
O3 GOL E . 10.17 1.86 16.34
#